data_8POR
#
_entry.id   8POR
#
_cell.length_a   126.630
_cell.length_b   126.630
_cell.length_c   61.590
_cell.angle_alpha   90.00
_cell.angle_beta   90.00
_cell.angle_gamma   120.00
#
_symmetry.space_group_name_H-M   'P 61 2 2'
#
loop_
_entity.id
_entity.type
_entity.pdbx_description
1 polymer 'Leucine--tRNA ligase'
2 non-polymer 'SULFATE ION'
3 non-polymer "[(1~{R},5~{S},6~{R},8~{R},9'~{S})-9'-(aminomethyl)-8-(6-aminopurin-9-yl)-2'-bromanyl-5'-[3-oxidanylidene-3-(1,3-thiazol-2-ylamino)propoxy]spiro[2,4,7-trioxa-3-boranuidabicyclo[3.3.0]octane-3,7'-8-oxa-7-boranuidabicyclo[4.3.0]nona-1(6),2,4-triene]-6-yl]methyl dihydrogen phosphate"
4 non-polymer 1,2-ETHANEDIOL
5 non-polymer 2-{2-[2-(2-{2-[2-(2-ETHOXY-ETHOXY)-ETHOXY]-ETHOXY}-ETHOXY)-ETHOXY]-ETHOXY}-ETHANOL
6 water water
#
_entity_poly.entity_id   1
_entity_poly.type   'polypeptide(L)'
_entity_poly.pdbx_seq_one_letter_code
;GAMGKSEGVTIEFKIVGLNKKLKVFTT(CSS)PHTLFGASFCAVAIEHPIVQDLMSKEIQDLISSIKIQGKNNEKVGIYT
GLNVKHPFLDKELPLYVANFVLMEYREGAIFGCPAHDQRDFEFAQEYDLPIIPVISSARLGIEEYTNNSIMFNSEFLNGL
TVSEARKVIVEKLEEKGIGKKTI
;
_entity_poly.pdbx_strand_id   A
#
loop_
_chem_comp.id
_chem_comp.type
_chem_comp.name
_chem_comp.formula
EDO non-polymer 1,2-ETHANEDIOL 'C2 H6 O2'
EYT non-polymer '[(1~{R},5~{S},6~{R},8~{R},9'~{S})-9'-(aminomethyl)-8-(6-aminopurin-9-yl)-2'-bromanyl-5'-[3-oxidanylidene-3-(1,3-thiazol-2-ylamino)propoxy]spiro[2,4,7-trioxa-3-boranuidabicyclo[3.3.0]octane-3,7'-8-oxa-7-boranuidabicyclo[4.3.0]nona-1(6),2,4-triene]-6-yl]methyl dihydrogen phosphate' 'C24 H26 B Br N8 O10 P S -1'
PE4 non-polymer 2-{2-[2-(2-{2-[2-(2-ETHOXY-ETHOXY)-ETHOXY]-ETHOXY}-ETHOXY)-ETHOXY]-ETHOXY}-ETHANOL 'C16 H34 O8'
SO4 non-polymer 'SULFATE ION' 'O4 S -2'
#
# COMPACT_ATOMS: atom_id res chain seq x y z
N GLU A 7 8.76 -5.29 -14.53
CA GLU A 7 7.56 -5.77 -13.77
C GLU A 7 7.04 -4.72 -12.78
N GLY A 8 7.86 -3.75 -12.39
CA GLY A 8 7.52 -2.76 -11.35
C GLY A 8 6.55 -1.72 -11.86
N VAL A 9 5.72 -1.16 -10.98
CA VAL A 9 4.80 -0.06 -11.38
CA VAL A 9 4.70 -0.12 -11.34
C VAL A 9 4.67 0.93 -10.22
N THR A 10 4.66 2.21 -10.59
CA THR A 10 4.36 3.33 -9.66
C THR A 10 2.87 3.59 -9.76
N ILE A 11 2.16 3.55 -8.64
CA ILE A 11 0.68 3.76 -8.59
C ILE A 11 0.40 5.04 -7.81
N GLU A 12 -0.44 5.91 -8.36
CA GLU A 12 -0.95 7.12 -7.67
C GLU A 12 -2.25 6.77 -6.96
N PHE A 13 -2.23 6.79 -5.63
CA PHE A 13 -3.42 6.66 -4.76
C PHE A 13 -3.91 8.07 -4.43
N LYS A 14 -5.20 8.32 -4.63
CA LYS A 14 -5.85 9.60 -4.24
C LYS A 14 -6.03 9.61 -2.72
N ILE A 15 -5.62 10.69 -2.06
CA ILE A 15 -5.82 10.87 -0.60
C ILE A 15 -7.25 11.37 -0.40
N VAL A 16 -8.03 10.69 0.44
CA VAL A 16 -9.48 10.99 0.56
CA VAL A 16 -9.48 10.96 0.64
C VAL A 16 -9.63 12.38 1.21
N GLY A 17 -10.58 13.16 0.69
CA GLY A 17 -10.94 14.50 1.21
C GLY A 17 -9.98 15.59 0.75
N LEU A 18 -8.89 15.23 0.06
CA LEU A 18 -7.83 16.19 -0.34
C LEU A 18 -7.62 16.11 -1.86
N ASN A 19 -7.17 17.22 -2.47
CA ASN A 19 -6.73 17.26 -3.88
C ASN A 19 -5.23 16.91 -3.91
N LYS A 20 -4.90 15.71 -3.46
CA LYS A 20 -3.49 15.27 -3.23
C LYS A 20 -3.38 13.78 -3.55
N LYS A 21 -2.22 13.36 -4.04
CA LYS A 21 -1.98 11.95 -4.44
C LYS A 21 -0.74 11.43 -3.70
N LEU A 22 -0.75 10.15 -3.39
CA LEU A 22 0.45 9.43 -2.89
C LEU A 22 0.92 8.45 -3.96
N LYS A 23 2.17 8.59 -4.38
CA LYS A 23 2.85 7.59 -5.27
C LYS A 23 3.38 6.45 -4.40
N VAL A 24 3.00 5.22 -4.73
CA VAL A 24 3.66 4.01 -4.15
C VAL A 24 4.24 3.21 -5.30
N PHE A 25 5.18 2.34 -4.99
CA PHE A 25 5.79 1.39 -5.95
C PHE A 25 5.53 -0.05 -5.48
N THR A 26 5.17 -0.93 -6.42
CA THR A 26 5.02 -2.39 -6.19
C THR A 26 5.65 -3.16 -7.36
N THR A 27 6.32 -4.29 -7.07
CA THR A 27 6.66 -5.35 -8.07
C THR A 27 5.53 -6.34 -8.29
N CSS A 28 4.43 -6.22 -7.51
CA CSS A 28 3.37 -7.21 -7.57
CB CSS A 28 3.36 -8.12 -6.34
SG CSS A 28 4.88 -9.04 -6.04
SD CSS A 28 4.66 -10.83 -6.96
C CSS A 28 2.02 -6.51 -7.76
O CSS A 28 1.12 -6.66 -6.93
N PRO A 29 1.84 -5.73 -8.85
CA PRO A 29 0.62 -4.93 -9.02
C PRO A 29 -0.65 -5.79 -9.16
N HIS A 30 -0.52 -7.05 -9.58
CA HIS A 30 -1.64 -8.00 -9.77
C HIS A 30 -2.32 -8.33 -8.42
N THR A 31 -1.69 -8.05 -7.28
CA THR A 31 -2.23 -8.34 -5.92
C THR A 31 -2.96 -7.13 -5.32
N LEU A 32 -3.26 -6.11 -6.12
CA LEU A 32 -3.84 -4.82 -5.64
C LEU A 32 -5.19 -5.01 -4.93
N PHE A 33 -5.99 -5.99 -5.32
CA PHE A 33 -7.33 -6.22 -4.73
C PHE A 33 -7.18 -6.78 -3.31
N GLY A 34 -5.97 -7.24 -2.96
CA GLY A 34 -5.61 -7.67 -1.59
C GLY A 34 -5.05 -6.53 -0.74
N ALA A 35 -5.06 -5.30 -1.25
CA ALA A 35 -4.57 -4.10 -0.55
C ALA A 35 -5.41 -3.88 0.72
N SER A 36 -4.75 -3.70 1.85
CA SER A 36 -5.35 -3.55 3.20
CA SER A 36 -5.47 -3.45 3.14
C SER A 36 -4.94 -2.18 3.80
N PHE A 37 -3.79 -1.67 3.36
CA PHE A 37 -3.25 -0.38 3.84
C PHE A 37 -2.22 0.14 2.84
N CYS A 38 -1.80 1.38 3.05
CA CYS A 38 -0.57 1.96 2.43
C CYS A 38 0.33 2.43 3.56
N ALA A 39 1.64 2.46 3.32
CA ALA A 39 2.59 2.89 4.36
C ALA A 39 3.72 3.70 3.74
N VAL A 40 4.14 4.75 4.44
CA VAL A 40 5.28 5.60 4.03
C VAL A 40 6.36 5.53 5.10
N ALA A 41 7.59 5.88 4.72
CA ALA A 41 8.72 5.99 5.65
C ALA A 41 8.46 7.13 6.63
N ILE A 42 9.10 7.04 7.80
CA ILE A 42 9.08 8.08 8.86
C ILE A 42 9.41 9.47 8.29
N GLU A 43 10.35 9.57 7.34
CA GLU A 43 10.89 10.86 6.84
C GLU A 43 10.14 11.32 5.57
N HIS A 44 9.05 10.66 5.19
CA HIS A 44 8.28 11.00 3.96
C HIS A 44 7.73 12.42 4.08
N PRO A 45 7.89 13.28 3.03
CA PRO A 45 7.43 14.67 3.11
C PRO A 45 5.92 14.83 3.34
N ILE A 46 5.11 13.81 3.03
CA ILE A 46 3.64 13.85 3.24
C ILE A 46 3.36 14.07 4.73
N VAL A 47 4.25 13.64 5.62
CA VAL A 47 4.12 13.87 7.10
C VAL A 47 4.00 15.38 7.35
N GLN A 48 4.98 16.16 6.90
CA GLN A 48 5.00 17.63 7.12
C GLN A 48 3.91 18.28 6.28
N ASP A 49 3.66 17.78 5.08
CA ASP A 49 2.74 18.45 4.12
C ASP A 49 1.27 18.32 4.61
N LEU A 50 0.85 17.15 5.11
CA LEU A 50 -0.60 16.85 5.22
C LEU A 50 -1.03 16.40 6.62
N MET A 51 -0.13 16.00 7.50
CA MET A 51 -0.54 15.38 8.79
C MET A 51 -0.65 16.45 9.89
N SER A 52 -1.45 16.17 10.90
CA SER A 52 -1.71 17.07 12.06
C SER A 52 -0.39 17.37 12.80
N LYS A 53 -0.35 18.49 13.51
CA LYS A 53 0.77 18.83 14.41
C LYS A 53 0.99 17.66 15.37
N GLU A 54 -0.08 17.06 15.91
CA GLU A 54 0.05 16.02 16.96
C GLU A 54 0.71 14.78 16.34
N ILE A 55 0.36 14.41 15.12
CA ILE A 55 0.96 13.21 14.47
C ILE A 55 2.41 13.55 14.04
N GLN A 56 2.66 14.75 13.54
CA GLN A 56 4.04 15.19 13.23
C GLN A 56 4.90 15.14 14.50
N ASP A 57 4.40 15.70 15.60
CA ASP A 57 5.05 15.73 16.94
C ASP A 57 5.43 14.31 17.40
N LEU A 58 4.53 13.36 17.18
CA LEU A 58 4.71 11.94 17.57
C LEU A 58 5.89 11.38 16.76
N ILE A 59 5.82 11.54 15.46
CA ILE A 59 6.86 11.01 14.52
C ILE A 59 8.22 11.64 14.86
N SER A 60 8.28 12.92 15.22
CA SER A 60 9.56 13.62 15.53
C SER A 60 10.07 13.29 16.94
N SER A 61 9.23 12.90 17.89
CA SER A 61 9.62 12.80 19.33
C SER A 61 9.82 11.35 19.78
N ILE A 62 9.19 10.38 19.11
CA ILE A 62 9.14 8.98 19.59
C ILE A 62 9.93 8.07 18.65
N LYS A 63 10.82 7.24 19.21
CA LYS A 63 11.45 6.10 18.51
C LYS A 63 10.37 5.08 18.20
N ILE A 64 10.11 4.80 16.93
CA ILE A 64 9.05 3.83 16.54
C ILE A 64 9.63 2.43 16.72
N GLN A 65 9.38 1.80 17.88
CA GLN A 65 9.80 0.40 18.11
C GLN A 65 8.67 -0.35 18.82
N GLY A 66 8.53 -1.63 18.47
CA GLY A 66 7.41 -2.46 18.90
C GLY A 66 7.63 -3.00 20.30
N LYS A 67 6.55 -3.16 21.06
CA LYS A 67 6.53 -3.89 22.37
C LYS A 67 6.46 -5.40 22.09
N ASN A 68 5.55 -5.81 21.22
CA ASN A 68 5.12 -7.22 20.99
C ASN A 68 5.78 -7.77 19.73
N ASN A 69 5.74 -7.00 18.64
CA ASN A 69 6.13 -7.29 17.22
CA ASN A 69 6.55 -7.44 17.47
C ASN A 69 7.14 -6.21 16.80
N GLU A 70 8.08 -6.50 15.92
CA GLU A 70 9.09 -5.50 15.47
C GLU A 70 8.47 -4.54 14.46
N LYS A 71 7.50 -4.99 13.65
CA LYS A 71 6.89 -4.17 12.57
C LYS A 71 5.73 -3.37 13.12
N VAL A 72 5.91 -2.06 13.24
CA VAL A 72 4.89 -1.19 13.88
C VAL A 72 4.77 0.10 13.08
N GLY A 73 3.73 0.85 13.38
CA GLY A 73 3.39 2.06 12.62
C GLY A 73 2.49 2.98 13.39
N ILE A 74 2.25 4.14 12.79
CA ILE A 74 1.43 5.24 13.34
C ILE A 74 0.39 5.57 12.28
N TYR A 75 -0.89 5.51 12.63
CA TYR A 75 -1.97 5.96 11.72
C TYR A 75 -1.79 7.46 11.48
N THR A 76 -1.82 7.89 10.22
CA THR A 76 -1.48 9.27 9.79
C THR A 76 -2.68 10.23 9.92
N GLY A 77 -3.87 9.68 10.20
CA GLY A 77 -5.13 10.43 10.10
C GLY A 77 -5.59 10.57 8.66
N LEU A 78 -4.87 9.98 7.70
CA LEU A 78 -5.22 10.06 6.27
C LEU A 78 -5.60 8.66 5.76
N ASN A 79 -6.57 8.64 4.86
CA ASN A 79 -6.95 7.42 4.10
C ASN A 79 -6.66 7.67 2.62
N VAL A 80 -6.54 6.57 1.90
CA VAL A 80 -6.33 6.54 0.43
CA VAL A 80 -6.38 6.61 0.42
C VAL A 80 -7.52 5.80 -0.19
N LYS A 81 -7.94 6.22 -1.38
CA LYS A 81 -9.03 5.57 -2.14
C LYS A 81 -8.41 4.37 -2.88
N HIS A 82 -9.00 3.18 -2.75
CA HIS A 82 -8.60 2.04 -3.60
C HIS A 82 -8.89 2.42 -5.04
N PRO A 83 -7.94 2.25 -5.99
CA PRO A 83 -8.17 2.70 -7.37
C PRO A 83 -9.25 1.93 -8.14
N PHE A 84 -9.63 0.72 -7.70
CA PHE A 84 -10.60 -0.15 -8.43
C PHE A 84 -11.75 -0.63 -7.55
N LEU A 85 -11.77 -0.27 -6.26
CA LEU A 85 -12.89 -0.64 -5.35
C LEU A 85 -13.41 0.62 -4.67
N ASP A 86 -14.73 0.66 -4.43
CA ASP A 86 -15.36 1.75 -3.65
C ASP A 86 -15.00 1.52 -2.18
N LYS A 87 -13.75 1.79 -1.81
CA LYS A 87 -13.18 1.39 -0.50
C LYS A 87 -12.01 2.33 -0.17
N GLU A 88 -11.86 2.66 1.12
CA GLU A 88 -10.73 3.50 1.64
C GLU A 88 -9.74 2.58 2.35
N LEU A 89 -8.45 2.86 2.20
CA LEU A 89 -7.35 2.16 2.90
C LEU A 89 -6.69 3.13 3.87
N PRO A 90 -6.39 2.70 5.12
CA PRO A 90 -5.66 3.56 6.04
C PRO A 90 -4.22 3.76 5.57
N LEU A 91 -3.71 4.98 5.75
CA LEU A 91 -2.29 5.31 5.47
C LEU A 91 -1.54 5.34 6.80
N TYR A 92 -0.45 4.57 6.89
CA TYR A 92 0.43 4.49 8.08
C TYR A 92 1.80 5.04 7.74
N VAL A 93 2.46 5.58 8.75
CA VAL A 93 3.95 5.64 8.82
C VAL A 93 4.39 4.31 9.43
N ALA A 94 5.29 3.57 8.78
CA ALA A 94 5.74 2.24 9.27
C ALA A 94 7.26 2.21 9.35
N ASN A 95 7.79 1.46 10.32
CA ASN A 95 9.24 1.42 10.59
C ASN A 95 9.97 0.52 9.59
N PHE A 96 9.27 -0.22 8.71
CA PHE A 96 9.94 -1.15 7.76
C PHE A 96 9.96 -0.59 6.33
N VAL A 97 9.55 0.67 6.15
CA VAL A 97 9.61 1.37 4.82
C VAL A 97 10.87 2.23 4.76
N LEU A 98 11.73 2.00 3.76
CA LEU A 98 12.95 2.80 3.52
C LEU A 98 12.56 4.11 2.86
N MET A 99 12.99 5.25 3.41
CA MET A 99 12.67 6.57 2.78
C MET A 99 13.31 6.67 1.39
N GLU A 100 14.59 6.32 1.23
CA GLU A 100 15.36 6.69 0.01
CA GLU A 100 15.40 6.66 0.03
C GLU A 100 15.27 5.57 -1.05
N TYR A 101 14.46 4.54 -0.82
CA TYR A 101 14.26 3.43 -1.79
C TYR A 101 12.96 3.67 -2.56
N ARG A 102 13.10 3.90 -3.87
CA ARG A 102 11.99 4.21 -4.80
C ARG A 102 11.16 5.37 -4.24
N GLU A 103 9.87 5.17 -3.95
CA GLU A 103 8.94 6.27 -3.55
C GLU A 103 8.92 6.47 -2.03
N GLY A 104 9.63 5.64 -1.26
CA GLY A 104 9.54 5.65 0.22
C GLY A 104 8.12 5.35 0.67
N ALA A 105 7.38 4.57 -0.12
CA ALA A 105 5.93 4.34 0.06
C ALA A 105 5.51 3.03 -0.60
N ILE A 106 4.70 2.22 0.11
CA ILE A 106 4.24 0.88 -0.37
C ILE A 106 2.72 0.80 -0.22
N PHE A 107 2.11 -0.16 -0.92
CA PHE A 107 0.77 -0.67 -0.53
C PHE A 107 1.00 -1.98 0.22
N GLY A 108 0.11 -2.26 1.17
CA GLY A 108 0.17 -3.47 2.01
C GLY A 108 -0.73 -4.55 1.46
N CYS A 109 -0.16 -5.73 1.20
CA CYS A 109 -0.88 -6.94 0.73
C CYS A 109 -0.58 -8.07 1.69
N PRO A 110 -1.24 -8.07 2.88
CA PRO A 110 -0.88 -9.00 3.94
C PRO A 110 -0.96 -10.48 3.55
N ALA A 111 -1.87 -10.86 2.67
CA ALA A 111 -2.05 -12.28 2.28
C ALA A 111 -0.80 -12.78 1.52
N HIS A 112 -0.04 -11.91 0.86
CA HIS A 112 1.03 -12.36 -0.07
C HIS A 112 2.38 -11.71 0.21
N ASP A 113 2.49 -10.93 1.29
CA ASP A 113 3.75 -10.27 1.70
C ASP A 113 3.88 -10.48 3.21
N GLN A 114 4.87 -11.28 3.62
CA GLN A 114 5.04 -11.73 5.03
C GLN A 114 5.24 -10.50 5.94
N ARG A 115 5.82 -9.41 5.42
CA ARG A 115 6.03 -8.17 6.19
C ARG A 115 4.66 -7.50 6.44
N ASP A 116 3.87 -7.35 5.38
CA ASP A 116 2.53 -6.71 5.43
C ASP A 116 1.61 -7.55 6.33
N PHE A 117 1.77 -8.88 6.27
CA PHE A 117 1.00 -9.83 7.10
C PHE A 117 1.20 -9.51 8.59
N GLU A 118 2.45 -9.39 9.04
CA GLU A 118 2.75 -9.16 10.47
C GLU A 118 2.17 -7.81 10.88
N PHE A 119 2.31 -6.80 10.02
CA PHE A 119 1.77 -5.45 10.26
C PHE A 119 0.24 -5.53 10.41
N ALA A 120 -0.44 -6.19 9.46
CA ALA A 120 -1.91 -6.35 9.45
C ALA A 120 -2.37 -7.08 10.72
N GLN A 121 -1.66 -8.14 11.13
CA GLN A 121 -1.98 -8.86 12.40
C GLN A 121 -1.89 -7.91 13.59
N GLU A 122 -0.82 -7.13 13.68
CA GLU A 122 -0.58 -6.20 14.82
C GLU A 122 -1.76 -5.24 14.96
N TYR A 123 -2.34 -4.75 13.85
CA TYR A 123 -3.35 -3.65 13.89
C TYR A 123 -4.73 -4.13 13.41
N ASP A 124 -4.94 -5.44 13.33
CA ASP A 124 -6.24 -6.05 12.96
C ASP A 124 -6.70 -5.47 11.62
N LEU A 125 -5.79 -5.34 10.66
CA LEU A 125 -6.14 -4.84 9.31
C LEU A 125 -6.61 -6.02 8.48
N PRO A 126 -7.47 -5.79 7.47
CA PRO A 126 -8.00 -6.87 6.64
C PRO A 126 -6.89 -7.70 5.96
N ILE A 127 -7.09 -9.01 5.93
CA ILE A 127 -6.19 -9.95 5.21
C ILE A 127 -7.01 -10.59 4.08
N ILE A 128 -6.69 -10.24 2.85
CA ILE A 128 -7.53 -10.60 1.66
C ILE A 128 -6.68 -11.43 0.71
N PRO A 129 -6.92 -12.76 0.63
CA PRO A 129 -6.15 -13.62 -0.28
C PRO A 129 -6.63 -13.38 -1.73
N VAL A 130 -5.70 -13.29 -2.69
CA VAL A 130 -6.05 -13.02 -4.12
C VAL A 130 -5.32 -13.97 -5.09
N ILE A 131 -4.31 -14.71 -4.67
CA ILE A 131 -3.61 -15.72 -5.52
C ILE A 131 -3.92 -17.10 -4.95
N SER A 132 -4.53 -17.98 -5.73
CA SER A 132 -4.87 -19.36 -5.28
C SER A 132 -3.57 -20.17 -5.24
N SER A 133 -3.42 -21.04 -4.24
CA SER A 133 -2.23 -21.90 -4.07
C SER A 133 -2.30 -23.04 -5.10
N ALA A 134 -1.29 -23.16 -5.96
CA ALA A 134 -1.18 -24.19 -7.02
C ALA A 134 -0.19 -25.28 -6.58
N ASN A 144 0.68 -20.95 -14.48
CA ASN A 144 0.92 -20.17 -13.23
C ASN A 144 -0.41 -20.15 -12.43
N SER A 145 -0.38 -19.64 -11.19
CA SER A 145 -1.51 -19.65 -10.21
C SER A 145 -2.65 -18.75 -10.70
N ILE A 146 -3.85 -18.91 -10.11
CA ILE A 146 -5.10 -18.24 -10.58
C ILE A 146 -5.49 -17.11 -9.61
N MET A 147 -5.89 -15.95 -10.15
CA MET A 147 -6.35 -14.81 -9.32
C MET A 147 -7.80 -15.04 -8.88
N PHE A 148 -8.14 -14.61 -7.66
CA PHE A 148 -9.54 -14.57 -7.14
C PHE A 148 -9.69 -13.36 -6.21
N ASN A 149 -10.93 -13.08 -5.78
CA ASN A 149 -11.26 -11.87 -4.97
C ASN A 149 -10.72 -10.62 -5.68
N SER A 150 -10.63 -10.63 -7.01
CA SER A 150 -9.86 -9.60 -7.77
C SER A 150 -10.65 -9.06 -8.98
N GLU A 151 -11.98 -9.10 -8.93
CA GLU A 151 -12.88 -8.47 -9.95
C GLU A 151 -12.42 -8.89 -11.36
N PHE A 152 -11.98 -7.95 -12.20
CA PHE A 152 -11.68 -8.20 -13.63
C PHE A 152 -10.42 -9.10 -13.79
N LEU A 153 -9.66 -9.34 -12.72
CA LEU A 153 -8.50 -10.26 -12.78
C LEU A 153 -8.91 -11.70 -12.47
N ASN A 154 -10.15 -11.95 -12.03
CA ASN A 154 -10.60 -13.29 -11.58
C ASN A 154 -10.40 -14.31 -12.70
N GLY A 155 -9.75 -15.44 -12.39
CA GLY A 155 -9.55 -16.55 -13.34
C GLY A 155 -8.30 -16.39 -14.20
N LEU A 156 -7.68 -15.22 -14.19
CA LEU A 156 -6.41 -15.00 -14.93
C LEU A 156 -5.25 -15.63 -14.16
N THR A 157 -4.25 -16.11 -14.89
CA THR A 157 -2.95 -16.49 -14.29
C THR A 157 -2.27 -15.22 -13.75
N VAL A 158 -1.32 -15.37 -12.84
CA VAL A 158 -0.45 -14.26 -12.37
C VAL A 158 0.12 -13.52 -13.59
N SER A 159 0.62 -14.23 -14.61
CA SER A 159 1.23 -13.63 -15.82
C SER A 159 0.20 -12.74 -16.55
N GLU A 160 -0.97 -13.30 -16.84
CA GLU A 160 -2.08 -12.57 -17.53
C GLU A 160 -2.50 -11.37 -16.68
N ALA A 161 -2.66 -11.58 -15.37
CA ALA A 161 -3.13 -10.54 -14.42
C ALA A 161 -2.13 -9.36 -14.37
N ARG A 162 -0.83 -9.65 -14.35
CA ARG A 162 0.23 -8.60 -14.34
C ARG A 162 0.02 -7.70 -15.57
N LYS A 163 -0.26 -8.31 -16.72
CA LYS A 163 -0.46 -7.57 -17.99
C LYS A 163 -1.71 -6.69 -17.89
N VAL A 164 -2.85 -7.30 -17.52
CA VAL A 164 -4.16 -6.61 -17.50
C VAL A 164 -4.13 -5.46 -16.49
N ILE A 165 -3.62 -5.69 -15.27
CA ILE A 165 -3.69 -4.64 -14.21
C ILE A 165 -2.87 -3.41 -14.66
N VAL A 166 -1.72 -3.62 -15.28
CA VAL A 166 -0.85 -2.48 -15.71
C VAL A 166 -1.58 -1.73 -16.85
N GLU A 167 -2.22 -2.44 -17.78
CA GLU A 167 -3.05 -1.84 -18.86
C GLU A 167 -4.13 -0.96 -18.22
N LYS A 168 -4.87 -1.49 -17.24
CA LYS A 168 -5.97 -0.78 -16.54
C LYS A 168 -5.42 0.47 -15.83
N LEU A 169 -4.28 0.34 -15.13
CA LEU A 169 -3.68 1.47 -14.38
C LEU A 169 -3.28 2.57 -15.37
N GLU A 170 -2.67 2.18 -16.50
CA GLU A 170 -2.23 3.10 -17.57
C GLU A 170 -3.46 3.78 -18.20
N GLU A 171 -4.51 3.01 -18.52
CA GLU A 171 -5.79 3.52 -19.10
C GLU A 171 -6.39 4.62 -18.21
N LYS A 172 -6.34 4.45 -16.88
CA LYS A 172 -6.96 5.41 -15.92
C LYS A 172 -5.98 6.54 -15.59
N GLY A 173 -4.72 6.44 -16.04
CA GLY A 173 -3.68 7.46 -15.83
C GLY A 173 -3.24 7.52 -14.37
N ILE A 174 -3.29 6.40 -13.66
CA ILE A 174 -2.96 6.33 -12.20
C ILE A 174 -1.76 5.42 -11.95
N GLY A 175 -1.23 4.78 -13.00
CA GLY A 175 -0.05 3.89 -12.87
C GLY A 175 0.81 3.96 -14.10
N LYS A 176 2.13 3.81 -13.92
CA LYS A 176 3.10 3.74 -15.05
C LYS A 176 4.17 2.70 -14.74
N LYS A 177 4.45 1.85 -15.73
CA LYS A 177 5.60 0.91 -15.74
C LYS A 177 6.82 1.68 -15.27
N THR A 178 7.59 1.10 -14.35
CA THR A 178 8.76 1.71 -13.68
C THR A 178 9.79 0.59 -13.48
N ILE A 179 10.99 0.75 -14.03
CA ILE A 179 12.02 -0.33 -14.04
C ILE A 179 12.65 -0.40 -12.64
S SO4 B . -12.70 12.22 -1.93
O1 SO4 B . -13.35 11.75 -0.74
O2 SO4 B . -12.17 13.55 -1.67
O3 SO4 B . -11.62 11.34 -2.28
O4 SO4 B . -13.64 12.29 -3.01
C2 EYT C . 10.45 -1.00 1.86
C4 EYT C . 9.54 -1.26 -0.28
C5 EYT C . 9.87 0.14 -0.57
C6 EYT C . 10.49 0.88 0.41
C8 EYT C . 8.90 -0.75 -2.31
C10 EYT C . 3.60 -5.77 -2.86
N1 EYT C . 10.76 0.29 1.61
C11 EYT C . 4.49 -6.95 -2.76
C12 EYT C . 5.88 -6.49 -2.85
O1 EYT C . 4.49 -4.69 -3.18
C13 EYT C . 4.17 -8.25 -2.60
N3 EYT C . 9.85 -1.79 0.95
C14 EYT C . 5.14 -9.18 -2.51
C15 EYT C . 6.54 -8.73 -2.60
C16 EYT C . 6.85 -7.42 -2.79
C17 EYT C . 2.92 -5.47 -1.49
C20 EYT C . 9.20 -8.12 -3.11
C21 EYT C . 10.54 -7.46 -3.46
C22 EYT C . 11.08 -6.63 -2.32
OP3 EYT C . 11.55 -4.45 -7.49
P EYT C . 11.74 -4.01 -6.06
OP1 EYT C . 12.55 -2.75 -6.00
OP2 EYT C . 12.50 -5.17 -5.50
O5' EYT C . 10.21 -3.87 -5.68
C5' EYT C . 10.04 -3.28 -4.37
C4' EYT C . 8.98 -4.04 -3.57
C3' EYT C . 7.58 -3.45 -3.70
C2' EYT C . 7.16 -3.16 -2.26
C1' EYT C . 8.44 -3.13 -1.47
N9 EYT C . 8.95 -1.74 -1.36
N6 EYT C . 10.82 2.17 0.21
N7 EYT C . 9.44 0.38 -1.84
O4' EYT C . 9.34 -3.98 -2.17
O3' EYT C . 6.64 -4.42 -4.15
B EYT C . 5.88 -5.02 -3.09
O2' EYT C . 6.36 -4.27 -1.96
N18 EYT C . 3.89 -5.19 -0.42
BR EYT C . 2.35 -8.82 -2.53
O19 EYT C . 8.24 -7.10 -2.87
O40 EYT C . 10.76 -6.85 -1.15
N23 EYT C . 11.93 -5.67 -2.68
C41 EYT C . 12.47 -4.81 -1.83
N45 EYT C . 13.21 -3.82 -2.23
C44 EYT C . 13.87 -2.99 -1.24
C43 EYT C . 13.36 -3.41 0.14
S42 EYT C . 12.33 -4.77 -0.16
C1 EDO D . -10.01 4.76 10.67
O1 EDO D . -10.52 5.85 9.93
C2 EDO D . -8.97 4.00 9.94
O2 EDO D . -9.28 3.77 8.58
O1 PE4 E . 1.95 -15.06 4.78
C1 PE4 E . 2.51 -14.35 3.65
C2 PE4 E . 3.64 -15.16 3.03
O2 PE4 E . 4.44 -14.31 2.20
C3 PE4 E . 5.78 -14.77 1.99
C4 PE4 E . 6.52 -13.84 1.02
O3 PE4 E . 6.59 -12.48 1.49
C5 PE4 E . 6.96 -11.58 0.44
C6 PE4 E . 7.84 -10.49 1.00
O4 PE4 E . 9.09 -11.11 1.26
C7 PE4 E . 10.02 -10.32 1.98
C8 PE4 E . 11.35 -10.33 1.23
O5 PE4 E . 11.28 -11.14 0.06
C9 PE4 E . 11.51 -12.51 0.40
C10 PE4 E . 12.69 -13.07 -0.39
O6 PE4 E . 12.51 -14.45 -0.72
C11 PE4 E . 12.19 -14.66 -2.10
C12 PE4 E . 13.06 -15.75 -2.75
O7 PE4 E . 13.94 -15.19 -3.72
C13 PE4 E . 14.94 -16.07 -4.23
C14 PE4 E . 15.29 -15.64 -5.67
O8 PE4 E . 16.52 -16.22 -6.15
#